data_7RTD
#
_entry.id   7RTD
#
_cell.length_a   54.090
_cell.length_b   80.120
_cell.length_c   58.510
_cell.angle_alpha   90.000
_cell.angle_beta   115.430
_cell.angle_gamma   90.000
#
_symmetry.space_group_name_H-M   'P 1 21 1'
#
loop_
_entity.id
_entity.type
_entity.pdbx_description
1 polymer 'HLA class I antigen'
2 polymer Beta-2-microglobulin
3 polymer 'Spike protein S1'
4 water water
#
loop_
_entity_poly.entity_id
_entity_poly.type
_entity_poly.pdbx_seq_one_letter_code
_entity_poly.pdbx_strand_id
1 'polypeptide(L)'
;MAVMAPRTLVLLLSGALALTQTWAGSHSMRYFFTSVSRPGRGEPRFIAVGYVDDTQFVRFDSDAASQRMEPRAPWIEQEG
PEYWDGETRKVKAHSQTHRVDLGTLRGYYNQSEAGSHTVQRMYGCDVGSDWRFLRGYHQYAYDGKDYIALKEDLRSWTAA
DMAAQTTKHKWEAAHVAEQLRAYLEGTCVEWLRRYLENGKETLQRTDAPKTHMTHHAVSDHEATLRCWALSFYPAEITLT
WQRDGEDQTQDTELVETRPAGDGTFQKWAAVVVPSGQEQRYTCHVQHEGLPKPLTLRWEPSSQPTIPIVGIIAGLVLFGA
VITGAVVAAVMWRRKSSDRKGGSYSQAASSDSAQGSDVSLTACKV
;
A
2 'polypeptide(L)'
;MIQRTPKIQVYSRHPAENGKSNFLNCYVSGFHPSDIEVDLLKNGERIEKVEHSDLSFSKDWSFYLLYYTEFTPTEKDEYA
CRVNHVTLSQPKIVKWDRDM
;
B
3 'polypeptide(L)' YLQPRTFLL C
#
# COMPACT_ATOMS: atom_id res chain seq x y z
N GLY A 25 21.42 -3.29 -1.44
CA GLY A 25 20.35 -4.28 -1.36
C GLY A 25 19.55 -4.33 -2.64
N SER A 26 18.46 -5.12 -2.64
CA SER A 26 17.58 -5.21 -3.81
C SER A 26 16.55 -4.06 -3.77
N HIS A 27 16.01 -3.66 -4.94
CA HIS A 27 15.07 -2.56 -5.07
C HIS A 27 13.98 -2.82 -6.11
N SER A 28 12.90 -2.03 -6.04
CA SER A 28 11.81 -2.15 -7.00
C SER A 28 11.33 -0.76 -7.36
N MET A 29 10.77 -0.64 -8.57
CA MET A 29 10.02 0.56 -8.94
C MET A 29 8.61 0.06 -9.30
N ARG A 30 7.55 0.69 -8.77
CA ARG A 30 6.17 0.28 -9.03
CA ARG A 30 6.17 0.28 -9.07
C ARG A 30 5.27 1.47 -9.32
N TYR A 31 4.32 1.29 -10.23
CA TYR A 31 3.29 2.30 -10.50
C TYR A 31 1.97 1.56 -10.32
N PHE A 32 1.05 2.14 -9.55
CA PHE A 32 -0.30 1.66 -9.25
C PHE A 32 -1.31 2.64 -9.82
N PHE A 33 -2.27 2.16 -10.57
CA PHE A 33 -3.29 2.99 -11.21
C PHE A 33 -4.67 2.48 -10.90
N THR A 34 -5.57 3.36 -10.46
CA THR A 34 -6.97 2.99 -10.21
C THR A 34 -7.89 3.90 -11.01
N SER A 35 -8.79 3.31 -11.78
CA SER A 35 -9.78 4.08 -12.50
C SER A 35 -11.15 3.59 -12.07
N VAL A 36 -12.01 4.49 -11.59
CA VAL A 36 -13.36 4.14 -11.12
C VAL A 36 -14.42 4.91 -11.93
N SER A 37 -15.27 4.23 -12.71
CA SER A 37 -16.33 4.93 -13.47
C SER A 37 -17.37 5.59 -12.55
N ARG A 38 -17.96 6.68 -13.01
CA ARG A 38 -18.98 7.46 -12.27
C ARG A 38 -20.14 7.72 -13.24
N PRO A 39 -21.03 6.70 -13.38
CA PRO A 39 -22.11 6.75 -14.39
C PRO A 39 -23.06 7.96 -14.43
N GLY A 40 -23.39 8.52 -13.28
CA GLY A 40 -24.28 9.69 -13.26
C GLY A 40 -23.82 10.83 -14.15
N ARG A 41 -22.53 11.19 -14.04
CA ARG A 41 -21.96 12.32 -14.76
C ARG A 41 -20.42 12.32 -14.75
N GLY A 42 -19.86 12.65 -15.91
CA GLY A 42 -18.44 12.89 -16.06
C GLY A 42 -17.56 11.69 -16.25
N GLU A 43 -16.25 11.98 -16.37
CA GLU A 43 -15.26 10.95 -16.61
CA GLU A 43 -15.20 10.98 -16.57
C GLU A 43 -14.90 10.21 -15.29
N PRO A 44 -14.29 8.99 -15.37
CA PRO A 44 -13.98 8.26 -14.15
C PRO A 44 -12.99 8.96 -13.22
N ARG A 45 -12.96 8.55 -11.94
CA ARG A 45 -11.95 9.01 -11.00
C ARG A 45 -10.68 8.24 -11.41
N PHE A 46 -9.54 8.92 -11.53
CA PHE A 46 -8.29 8.29 -11.90
C PHE A 46 -7.19 8.73 -10.91
N ILE A 47 -6.60 7.76 -10.18
CA ILE A 47 -5.50 8.01 -9.25
C ILE A 47 -4.32 7.14 -9.69
N ALA A 48 -3.12 7.76 -9.90
CA ALA A 48 -1.89 7.07 -10.22
C ALA A 48 -0.85 7.37 -9.17
N VAL A 49 -0.13 6.35 -8.70
CA VAL A 49 0.91 6.56 -7.67
C VAL A 49 2.18 5.80 -8.05
N GLY A 50 3.36 6.44 -7.86
CA GLY A 50 4.64 5.82 -8.17
C GLY A 50 5.46 5.58 -6.92
N TYR A 51 6.11 4.40 -6.84
CA TYR A 51 6.95 4.02 -5.70
C TYR A 51 8.29 3.51 -6.12
N VAL A 52 9.27 3.77 -5.27
CA VAL A 52 10.59 3.17 -5.31
C VAL A 52 10.62 2.45 -3.96
N ASP A 53 10.69 1.10 -3.96
CA ASP A 53 10.57 0.31 -2.73
C ASP A 53 9.26 0.68 -1.97
N ASP A 54 9.35 1.07 -0.68
CA ASP A 54 8.17 1.47 0.13
C ASP A 54 7.97 2.99 0.16
N THR A 55 8.64 3.68 -0.76
CA THR A 55 8.57 5.14 -0.80
C THR A 55 7.83 5.64 -2.01
N GLN A 56 6.71 6.33 -1.75
CA GLN A 56 5.90 6.98 -2.79
C GLN A 56 6.66 8.23 -3.24
N PHE A 57 6.82 8.43 -4.57
CA PHE A 57 7.56 9.61 -5.02
C PHE A 57 6.78 10.54 -5.98
N VAL A 58 5.68 10.05 -6.56
CA VAL A 58 4.86 10.82 -7.50
C VAL A 58 3.41 10.44 -7.35
N ARG A 59 2.55 11.39 -7.73
CA ARG A 59 1.12 11.14 -7.73
C ARG A 59 0.39 11.95 -8.82
N PHE A 60 -0.74 11.40 -9.25
CA PHE A 60 -1.69 12.07 -10.10
C PHE A 60 -3.07 11.74 -9.58
N ASP A 61 -3.89 12.77 -9.39
CA ASP A 61 -5.26 12.60 -8.97
C ASP A 61 -6.10 13.42 -9.94
N SER A 62 -6.97 12.78 -10.71
CA SER A 62 -7.89 13.46 -11.64
C SER A 62 -8.77 14.49 -10.94
N ASP A 63 -9.02 14.33 -9.62
CA ASP A 63 -9.87 15.26 -8.85
C ASP A 63 -9.12 16.49 -8.35
N ALA A 64 -7.77 16.46 -8.32
CA ALA A 64 -6.93 17.56 -7.88
C ALA A 64 -6.84 18.70 -8.94
N ALA A 65 -6.56 19.91 -8.44
CA ALA A 65 -6.51 21.18 -9.18
C ALA A 65 -5.41 21.30 -10.25
N SER A 66 -4.19 20.85 -9.93
CA SER A 66 -3.02 20.97 -10.80
C SER A 66 -3.14 20.29 -12.14
N GLN A 67 -3.72 19.07 -12.19
CA GLN A 67 -3.76 18.26 -13.43
C GLN A 67 -2.33 17.97 -13.93
N ARG A 68 -1.40 17.82 -12.97
CA ARG A 68 0.00 17.53 -13.24
C ARG A 68 0.41 16.30 -12.46
N MET A 69 1.47 15.63 -12.95
CA MET A 69 2.09 14.59 -12.16
C MET A 69 2.80 15.44 -11.07
N GLU A 70 2.57 15.16 -9.77
CA GLU A 70 3.18 15.96 -8.67
C GLU A 70 4.28 15.20 -7.90
N PRO A 71 5.32 15.90 -7.37
CA PRO A 71 6.32 15.21 -6.53
C PRO A 71 5.74 14.86 -5.17
N ARG A 72 6.17 13.75 -4.59
CA ARG A 72 5.74 13.34 -3.25
C ARG A 72 6.96 12.92 -2.40
N ALA A 73 8.16 13.09 -2.97
CA ALA A 73 9.43 12.81 -2.28
C ALA A 73 10.38 13.93 -2.69
N PRO A 74 11.12 14.52 -1.74
CA PRO A 74 12.03 15.62 -2.09
C PRO A 74 13.08 15.30 -3.16
N TRP A 75 13.56 14.02 -3.24
CA TRP A 75 14.59 13.64 -4.22
C TRP A 75 14.09 13.63 -5.69
N ILE A 76 12.76 13.61 -5.91
CA ILE A 76 12.22 13.66 -7.28
C ILE A 76 12.10 15.14 -7.76
N GLU A 77 12.09 16.09 -6.82
CA GLU A 77 11.99 17.53 -7.13
C GLU A 77 13.22 18.05 -7.86
N GLN A 78 14.36 17.28 -7.80
CA GLN A 78 15.64 17.53 -8.50
C GLN A 78 15.39 17.44 -10.01
N GLU A 79 14.29 16.74 -10.41
CA GLU A 79 13.94 16.62 -11.82
C GLU A 79 13.39 17.97 -12.28
N GLY A 80 13.78 18.37 -13.49
CA GLY A 80 13.40 19.66 -14.08
C GLY A 80 12.11 19.64 -14.88
N PRO A 81 11.75 20.81 -15.48
CA PRO A 81 10.48 20.93 -16.21
C PRO A 81 10.22 19.89 -17.31
N GLU A 82 11.26 19.43 -18.03
CA GLU A 82 11.15 18.41 -19.09
CA GLU A 82 11.13 18.42 -19.10
C GLU A 82 10.52 17.14 -18.50
N TYR A 83 11.05 16.68 -17.37
CA TYR A 83 10.58 15.51 -16.65
C TYR A 83 9.08 15.59 -16.34
N TRP A 84 8.68 16.69 -15.66
CA TRP A 84 7.33 16.93 -15.23
C TRP A 84 6.37 17.05 -16.36
N ASP A 85 6.76 17.68 -17.49
CA ASP A 85 5.89 17.80 -18.66
CA ASP A 85 5.91 17.80 -18.68
C ASP A 85 5.72 16.42 -19.32
N GLY A 86 6.79 15.63 -19.34
CA GLY A 86 6.77 14.28 -19.92
C GLY A 86 5.91 13.34 -19.10
N GLU A 87 6.08 13.36 -17.77
CA GLU A 87 5.31 12.54 -16.84
C GLU A 87 3.84 12.93 -16.80
N THR A 88 3.52 14.23 -16.92
CA THR A 88 2.15 14.75 -16.94
C THR A 88 1.47 14.24 -18.23
N ARG A 89 2.18 14.36 -19.37
CA ARG A 89 1.68 13.93 -20.68
CA ARG A 89 1.69 13.93 -20.67
C ARG A 89 1.35 12.44 -20.64
N LYS A 90 2.31 11.60 -20.18
CA LYS A 90 2.12 10.15 -20.10
C LYS A 90 1.02 9.80 -19.10
N VAL A 91 0.96 10.48 -17.94
CA VAL A 91 -0.08 10.13 -16.94
C VAL A 91 -1.52 10.45 -17.46
N LYS A 92 -1.67 11.49 -18.29
CA LYS A 92 -2.96 11.83 -18.88
C LYS A 92 -3.33 10.82 -19.99
N ALA A 93 -2.31 10.35 -20.75
CA ALA A 93 -2.50 9.31 -21.76
C ALA A 93 -2.89 8.02 -21.07
N HIS A 94 -2.27 7.71 -19.91
CA HIS A 94 -2.61 6.53 -19.09
C HIS A 94 -4.07 6.65 -18.65
N SER A 95 -4.48 7.85 -18.19
CA SER A 95 -5.85 8.15 -17.76
CA SER A 95 -5.84 8.19 -17.75
C SER A 95 -6.88 7.93 -18.84
N GLN A 96 -6.64 8.46 -20.07
CA GLN A 96 -7.58 8.29 -21.18
C GLN A 96 -7.62 6.83 -21.64
N THR A 97 -6.49 6.12 -21.59
CA THR A 97 -6.49 4.68 -21.91
C THR A 97 -7.40 3.92 -20.94
N HIS A 98 -7.32 4.22 -19.61
CA HIS A 98 -8.16 3.56 -18.60
C HIS A 98 -9.63 3.92 -18.80
N ARG A 99 -9.90 5.16 -19.23
CA ARG A 99 -11.26 5.62 -19.49
C ARG A 99 -11.87 4.73 -20.63
N VAL A 100 -11.14 4.57 -21.72
CA VAL A 100 -11.57 3.73 -22.86
C VAL A 100 -11.70 2.28 -22.39
N ASP A 101 -10.73 1.82 -21.60
CA ASP A 101 -10.71 0.47 -21.05
C ASP A 101 -11.98 0.11 -20.29
N LEU A 102 -12.47 1.02 -19.40
CA LEU A 102 -13.71 0.80 -18.62
C LEU A 102 -14.91 0.60 -19.53
N GLY A 103 -14.93 1.34 -20.64
CA GLY A 103 -15.97 1.23 -21.66
C GLY A 103 -15.83 -0.09 -22.38
N THR A 104 -14.60 -0.45 -22.80
CA THR A 104 -14.34 -1.75 -23.46
C THR A 104 -14.75 -2.97 -22.58
N LEU A 105 -14.42 -2.95 -21.29
CA LEU A 105 -14.73 -4.07 -20.40
C LEU A 105 -16.24 -4.21 -20.14
N ARG A 106 -16.97 -3.08 -20.08
CA ARG A 106 -18.42 -3.08 -19.90
CA ARG A 106 -18.42 -3.07 -19.91
C ARG A 106 -19.07 -3.82 -21.10
N GLY A 107 -18.51 -3.62 -22.30
CA GLY A 107 -18.95 -4.26 -23.54
C GLY A 107 -18.60 -5.75 -23.55
N TYR A 108 -17.34 -6.09 -23.20
CA TYR A 108 -16.87 -7.49 -23.08
C TYR A 108 -17.71 -8.31 -22.10
N TYR A 109 -18.13 -7.69 -20.99
CA TYR A 109 -18.90 -8.33 -19.92
C TYR A 109 -20.41 -8.17 -20.04
N ASN A 110 -20.85 -7.42 -21.06
CA ASN A 110 -22.27 -7.14 -21.33
C ASN A 110 -22.96 -6.49 -20.13
N GLN A 111 -22.29 -5.48 -19.56
CA GLN A 111 -22.81 -4.76 -18.39
C GLN A 111 -23.51 -3.47 -18.81
N SER A 112 -24.41 -3.00 -17.98
CA SER A 112 -25.16 -1.77 -18.26
C SER A 112 -24.30 -0.56 -17.90
N GLU A 113 -24.72 0.62 -18.34
CA GLU A 113 -24.05 1.88 -18.03
C GLU A 113 -24.35 2.37 -16.62
N ALA A 114 -25.31 1.74 -15.93
CA ALA A 114 -25.80 2.15 -14.60
C ALA A 114 -24.83 1.96 -13.42
N GLY A 115 -24.06 0.89 -13.42
CA GLY A 115 -23.14 0.62 -12.32
C GLY A 115 -21.75 1.20 -12.47
N SER A 116 -21.08 1.42 -11.31
CA SER A 116 -19.72 1.89 -11.22
C SER A 116 -18.80 0.66 -11.28
N HIS A 117 -17.71 0.74 -12.05
CA HIS A 117 -16.73 -0.36 -12.19
C HIS A 117 -15.32 0.20 -12.00
N THR A 118 -14.36 -0.68 -11.67
CA THR A 118 -13.00 -0.32 -11.37
C THR A 118 -12.05 -1.12 -12.21
N VAL A 119 -11.12 -0.43 -12.88
CA VAL A 119 -10.00 -1.05 -13.54
C VAL A 119 -8.75 -0.65 -12.69
N GLN A 120 -7.90 -1.64 -12.36
CA GLN A 120 -6.67 -1.42 -11.62
C GLN A 120 -5.53 -1.92 -12.47
N ARG A 121 -4.41 -1.20 -12.43
CA ARG A 121 -3.22 -1.60 -13.18
C ARG A 121 -2.03 -1.41 -12.28
N MET A 122 -1.07 -2.32 -12.38
CA MET A 122 0.19 -2.23 -11.68
C MET A 122 1.26 -2.67 -12.64
N TYR A 123 2.36 -1.93 -12.71
CA TYR A 123 3.52 -2.35 -13.48
C TYR A 123 4.79 -1.91 -12.82
N GLY A 124 5.89 -2.56 -13.17
CA GLY A 124 7.18 -2.19 -12.62
C GLY A 124 8.27 -3.23 -12.72
N CYS A 125 9.42 -2.91 -12.12
CA CYS A 125 10.58 -3.77 -12.15
C CYS A 125 11.22 -3.95 -10.81
N ASP A 126 11.80 -5.14 -10.62
CA ASP A 126 12.60 -5.49 -9.45
C ASP A 126 14.02 -5.59 -9.94
N VAL A 127 14.95 -5.18 -9.11
CA VAL A 127 16.39 -5.32 -9.38
C VAL A 127 17.00 -6.01 -8.20
N GLY A 128 18.00 -6.86 -8.45
CA GLY A 128 18.71 -7.55 -7.39
C GLY A 128 19.68 -6.61 -6.71
N SER A 129 20.56 -7.17 -5.84
CA SER A 129 21.60 -6.44 -5.09
C SER A 129 22.66 -5.82 -6.03
N ASP A 130 22.75 -6.32 -7.28
CA ASP A 130 23.62 -5.80 -8.34
C ASP A 130 22.97 -4.62 -9.10
N TRP A 131 21.69 -4.27 -8.74
CA TRP A 131 20.87 -3.19 -9.35
C TRP A 131 20.59 -3.44 -10.82
N ARG A 132 20.61 -4.72 -11.21
CA ARG A 132 20.33 -5.12 -12.58
C ARG A 132 18.97 -5.83 -12.58
N PHE A 133 18.28 -5.81 -13.74
CA PHE A 133 16.96 -6.41 -13.90
C PHE A 133 16.92 -7.83 -13.30
N LEU A 134 15.91 -8.05 -12.43
CA LEU A 134 15.59 -9.29 -11.77
C LEU A 134 14.22 -9.78 -12.28
N ARG A 135 13.18 -8.90 -12.17
CA ARG A 135 11.80 -9.25 -12.58
CA ARG A 135 11.81 -9.25 -12.56
C ARG A 135 11.04 -8.04 -13.08
N GLY A 136 10.02 -8.31 -13.92
CA GLY A 136 9.14 -7.30 -14.48
C GLY A 136 7.68 -7.69 -14.29
N TYR A 137 6.78 -6.71 -14.13
CA TYR A 137 5.33 -6.94 -13.95
C TYR A 137 4.51 -5.94 -14.75
N HIS A 138 3.36 -6.39 -15.28
CA HIS A 138 2.40 -5.58 -16.01
C HIS A 138 1.08 -6.33 -15.95
N GLN A 139 0.26 -5.99 -14.98
CA GLN A 139 -1.01 -6.70 -14.74
C GLN A 139 -2.17 -5.80 -14.44
N TYR A 140 -3.39 -6.35 -14.60
CA TYR A 140 -4.66 -5.66 -14.42
C TYR A 140 -5.68 -6.48 -13.63
N ALA A 141 -6.61 -5.76 -13.00
CA ALA A 141 -7.77 -6.36 -12.39
C ALA A 141 -8.98 -5.55 -12.82
N TYR A 142 -10.13 -6.22 -12.97
CA TYR A 142 -11.41 -5.58 -13.27
C TYR A 142 -12.32 -5.95 -12.11
N ASP A 143 -12.91 -4.96 -11.44
CA ASP A 143 -13.76 -5.11 -10.25
C ASP A 143 -13.15 -5.98 -9.13
N GLY A 144 -11.86 -5.79 -8.87
CA GLY A 144 -11.15 -6.48 -7.80
C GLY A 144 -10.68 -7.88 -8.13
N LYS A 145 -10.98 -8.36 -9.34
CA LYS A 145 -10.55 -9.71 -9.77
C LYS A 145 -9.52 -9.66 -10.89
N ASP A 146 -8.58 -10.62 -10.89
CA ASP A 146 -7.53 -10.76 -11.92
C ASP A 146 -8.13 -10.68 -13.31
N TYR A 147 -7.55 -9.87 -14.20
CA TYR A 147 -8.04 -9.75 -15.57
C TYR A 147 -7.03 -10.35 -16.50
N ILE A 148 -5.92 -9.61 -16.70
CA ILE A 148 -4.84 -10.05 -17.53
C ILE A 148 -3.53 -9.67 -16.87
N ALA A 149 -2.52 -10.53 -16.97
CA ALA A 149 -1.19 -10.29 -16.43
C ALA A 149 -0.13 -10.73 -17.40
N LEU A 150 0.99 -10.01 -17.45
CA LEU A 150 2.16 -10.42 -18.23
C LEU A 150 2.82 -11.51 -17.39
N LYS A 151 3.15 -12.67 -18.01
CA LYS A 151 3.78 -13.79 -17.30
C LYS A 151 5.26 -13.42 -16.95
N GLU A 152 5.89 -14.15 -16.02
CA GLU A 152 7.26 -13.88 -15.57
C GLU A 152 8.30 -13.75 -16.70
N ASP A 153 8.17 -14.55 -17.77
CA ASP A 153 9.09 -14.50 -18.92
C ASP A 153 8.92 -13.22 -19.75
N LEU A 154 7.84 -12.43 -19.50
CA LEU A 154 7.54 -11.18 -20.24
C LEU A 154 7.27 -11.46 -21.73
N ARG A 155 6.80 -12.69 -22.06
CA ARG A 155 6.56 -13.09 -23.45
CA ARG A 155 6.55 -13.05 -23.46
C ARG A 155 5.14 -13.55 -23.70
N SER A 156 4.46 -13.97 -22.63
CA SER A 156 3.10 -14.48 -22.73
C SER A 156 2.19 -13.87 -21.68
N TRP A 157 0.87 -14.11 -21.85
CA TRP A 157 -0.18 -13.53 -21.04
C TRP A 157 -1.01 -14.56 -20.27
N THR A 158 -1.45 -14.15 -19.07
CA THR A 158 -2.40 -14.90 -18.26
C THR A 158 -3.73 -14.17 -18.38
N ALA A 159 -4.65 -14.74 -19.16
CA ALA A 159 -5.98 -14.15 -19.35
C ALA A 159 -6.93 -14.99 -18.51
N ALA A 160 -7.57 -14.39 -17.49
CA ALA A 160 -8.46 -15.10 -16.53
C ALA A 160 -9.72 -15.76 -17.11
N ASP A 161 -10.39 -15.07 -18.07
CA ASP A 161 -11.68 -15.50 -18.68
C ASP A 161 -11.73 -15.16 -20.19
N MET A 162 -12.90 -15.26 -20.84
CA MET A 162 -13.02 -15.05 -22.30
C MET A 162 -12.98 -13.59 -22.69
N ALA A 163 -13.24 -12.67 -21.73
CA ALA A 163 -13.14 -11.23 -21.93
C ALA A 163 -11.67 -10.89 -21.95
N ALA A 164 -10.90 -11.35 -20.93
CA ALA A 164 -9.46 -11.18 -20.88
C ALA A 164 -8.75 -11.85 -22.08
N GLN A 165 -9.34 -12.98 -22.62
CA GLN A 165 -8.80 -13.69 -23.78
CA GLN A 165 -8.81 -13.69 -23.78
C GLN A 165 -8.95 -12.84 -25.05
N THR A 166 -9.98 -11.95 -25.11
CA THR A 166 -10.19 -11.04 -26.24
C THR A 166 -9.01 -10.05 -26.24
N THR A 167 -8.68 -9.47 -25.04
CA THR A 167 -7.49 -8.63 -24.89
C THR A 167 -6.19 -9.41 -25.31
N LYS A 168 -6.04 -10.66 -24.82
CA LYS A 168 -4.87 -11.49 -25.14
C LYS A 168 -4.67 -11.66 -26.69
N HIS A 169 -5.74 -11.97 -27.48
CA HIS A 169 -5.66 -12.13 -28.94
C HIS A 169 -5.23 -10.82 -29.60
N LYS A 170 -5.84 -9.69 -29.21
CA LYS A 170 -5.51 -8.35 -29.69
C LYS A 170 -4.03 -8.05 -29.44
N TRP A 171 -3.57 -8.26 -28.21
CA TRP A 171 -2.20 -7.95 -27.83
C TRP A 171 -1.18 -8.88 -28.46
N GLU A 172 -1.54 -10.17 -28.70
CA GLU A 172 -0.61 -11.12 -29.32
C GLU A 172 -0.36 -10.71 -30.77
N ALA A 173 -1.44 -10.39 -31.51
CA ALA A 173 -1.40 -9.94 -32.90
C ALA A 173 -0.62 -8.63 -33.05
N ALA A 174 -0.73 -7.71 -32.04
CA ALA A 174 -0.05 -6.41 -32.03
C ALA A 174 1.36 -6.42 -31.39
N HIS A 175 1.83 -7.60 -30.93
CA HIS A 175 3.15 -7.80 -30.29
C HIS A 175 3.36 -6.84 -29.13
N VAL A 176 2.39 -6.80 -28.21
CA VAL A 176 2.42 -5.90 -27.06
C VAL A 176 3.46 -6.32 -26.02
N ALA A 177 3.60 -7.65 -25.76
CA ALA A 177 4.57 -8.11 -24.77
C ALA A 177 5.99 -7.66 -25.09
N GLU A 178 6.39 -7.65 -26.38
CA GLU A 178 7.76 -7.23 -26.79
C GLU A 178 8.03 -5.79 -26.40
N GLN A 179 7.03 -4.92 -26.55
CA GLN A 179 7.12 -3.50 -26.20
C GLN A 179 7.18 -3.30 -24.71
N LEU A 180 6.39 -4.06 -23.94
CA LEU A 180 6.41 -3.98 -22.49
C LEU A 180 7.74 -4.51 -21.91
N ARG A 181 8.22 -5.65 -22.44
CA ARG A 181 9.50 -6.26 -22.03
C ARG A 181 10.66 -5.26 -22.14
N ALA A 182 10.72 -4.49 -23.26
CA ALA A 182 11.78 -3.51 -23.53
C ALA A 182 11.81 -2.38 -22.48
N TYR A 183 10.62 -1.88 -22.05
CA TYR A 183 10.53 -0.85 -21.02
C TYR A 183 10.91 -1.46 -19.67
N LEU A 184 10.30 -2.62 -19.31
CA LEU A 184 10.48 -3.30 -18.02
C LEU A 184 11.92 -3.72 -17.73
N GLU A 185 12.62 -4.24 -18.77
CA GLU A 185 14.03 -4.66 -18.65
C GLU A 185 15.03 -3.53 -18.80
N GLY A 186 14.73 -2.57 -19.69
CA GLY A 186 15.62 -1.47 -20.01
C GLY A 186 15.31 -0.22 -19.22
N THR A 187 14.40 0.61 -19.76
CA THR A 187 13.94 1.90 -19.25
C THR A 187 13.65 1.91 -17.77
N CYS A 188 12.79 0.99 -17.30
CA CYS A 188 12.38 0.87 -15.88
C CYS A 188 13.61 0.76 -14.94
N VAL A 189 14.55 -0.09 -15.32
CA VAL A 189 15.75 -0.36 -14.54
C VAL A 189 16.67 0.86 -14.48
N GLU A 190 16.82 1.55 -15.65
CA GLU A 190 17.65 2.74 -15.81
CA GLU A 190 17.66 2.72 -15.80
C GLU A 190 17.11 3.88 -14.96
N TRP A 191 15.77 4.06 -14.93
CA TRP A 191 15.22 5.16 -14.14
C TRP A 191 15.20 4.87 -12.67
N LEU A 192 14.99 3.60 -12.29
CA LEU A 192 15.05 3.18 -10.89
C LEU A 192 16.44 3.47 -10.35
N ARG A 193 17.47 3.11 -11.14
CA ARG A 193 18.87 3.34 -10.81
C ARG A 193 19.17 4.83 -10.57
N ARG A 194 18.60 5.71 -11.39
CA ARG A 194 18.72 7.15 -11.29
C ARG A 194 18.06 7.66 -10.03
N TYR A 195 16.81 7.21 -9.77
CA TYR A 195 16.05 7.58 -8.57
C TYR A 195 16.82 7.17 -7.31
N LEU A 196 17.40 5.92 -7.29
CA LEU A 196 18.20 5.38 -6.19
C LEU A 196 19.37 6.29 -5.83
N GLU A 197 20.06 6.86 -6.88
CA GLU A 197 21.18 7.80 -6.76
CA GLU A 197 21.19 7.78 -6.75
C GLU A 197 20.70 9.13 -6.22
N ASN A 198 19.66 9.71 -6.83
CA ASN A 198 19.15 11.00 -6.40
C ASN A 198 18.55 10.98 -5.00
N GLY A 199 17.98 9.84 -4.60
CA GLY A 199 17.42 9.69 -3.28
C GLY A 199 18.26 8.86 -2.34
N LYS A 200 19.55 8.66 -2.65
CA LYS A 200 20.46 7.77 -1.90
C LYS A 200 20.45 7.95 -0.37
N GLU A 201 20.34 9.19 0.14
CA GLU A 201 20.33 9.46 1.58
C GLU A 201 19.16 8.80 2.35
N THR A 202 18.04 8.53 1.66
CA THR A 202 16.86 7.84 2.24
C THR A 202 16.59 6.47 1.60
N LEU A 203 16.59 6.41 0.27
CA LEU A 203 16.32 5.18 -0.47
C LEU A 203 17.31 4.06 -0.21
N GLN A 204 18.58 4.40 -0.02
CA GLN A 204 19.62 3.39 0.22
C GLN A 204 19.92 3.19 1.71
N ARG A 205 19.13 3.84 2.59
CA ARG A 205 19.26 3.72 4.04
C ARG A 205 18.23 2.75 4.58
N THR A 206 18.65 1.81 5.44
CA THR A 206 17.75 0.87 6.09
C THR A 206 17.57 1.35 7.52
N ASP A 207 16.33 1.41 7.99
CA ASP A 207 16.02 1.84 9.35
C ASP A 207 15.60 0.58 10.11
N ALA A 208 16.48 0.13 11.02
CA ALA A 208 16.25 -1.07 11.82
C ALA A 208 15.11 -0.78 12.83
N PRO A 209 14.24 -1.77 13.12
CA PRO A 209 13.15 -1.51 14.09
C PRO A 209 13.67 -1.20 15.46
N LYS A 210 13.00 -0.26 16.09
CA LYS A 210 13.19 0.16 17.48
C LYS A 210 12.19 -0.76 18.20
N THR A 211 12.73 -1.68 18.98
CA THR A 211 11.89 -2.65 19.64
C THR A 211 11.82 -2.44 21.13
N HIS A 212 10.70 -2.80 21.70
CA HIS A 212 10.44 -2.84 23.12
C HIS A 212 9.33 -3.85 23.40
N MET A 213 9.20 -4.24 24.68
CA MET A 213 8.16 -5.15 25.12
CA MET A 213 8.22 -5.18 25.18
C MET A 213 7.30 -4.53 26.20
N THR A 214 5.99 -4.77 26.11
CA THR A 214 5.00 -4.33 27.12
C THR A 214 4.34 -5.60 27.73
N HIS A 215 3.81 -5.44 28.94
CA HIS A 215 3.18 -6.49 29.73
C HIS A 215 1.84 -5.97 30.21
N HIS A 216 0.80 -6.82 30.15
CA HIS A 216 -0.55 -6.46 30.57
C HIS A 216 -1.18 -7.65 31.27
N ALA A 217 -1.50 -7.48 32.55
CA ALA A 217 -2.17 -8.52 33.35
C ALA A 217 -3.65 -8.54 32.92
N VAL A 218 -4.18 -9.71 32.48
CA VAL A 218 -5.60 -9.77 32.07
C VAL A 218 -6.46 -10.29 33.29
N SER A 219 -5.95 -11.31 33.99
CA SER A 219 -6.52 -11.93 35.20
C SER A 219 -5.30 -12.25 36.11
N ASP A 220 -5.47 -13.05 37.18
CA ASP A 220 -4.29 -13.38 37.99
C ASP A 220 -3.64 -14.69 37.50
N HIS A 221 -4.21 -15.32 36.46
CA HIS A 221 -3.67 -16.54 35.84
CA HIS A 221 -3.67 -16.54 35.84
C HIS A 221 -3.08 -16.21 34.44
N GLU A 222 -3.55 -15.14 33.80
CA GLU A 222 -3.15 -14.78 32.44
C GLU A 222 -2.56 -13.38 32.25
N ALA A 223 -1.47 -13.30 31.46
CA ALA A 223 -0.83 -12.06 31.07
C ALA A 223 -0.62 -11.98 29.55
N THR A 224 -0.54 -10.78 29.01
CA THR A 224 -0.28 -10.52 27.59
C THR A 224 1.08 -9.85 27.46
N LEU A 225 1.98 -10.45 26.66
CA LEU A 225 3.25 -9.80 26.36
C LEU A 225 3.12 -9.30 24.93
N ARG A 226 3.48 -8.04 24.70
CA ARG A 226 3.42 -7.42 23.38
C ARG A 226 4.78 -6.95 22.97
N CYS A 227 5.23 -7.43 21.84
CA CYS A 227 6.54 -7.12 21.31
C CYS A 227 6.35 -6.16 20.14
N TRP A 228 6.86 -4.91 20.32
CA TRP A 228 6.75 -3.82 19.34
C TRP A 228 7.97 -3.65 18.48
N ALA A 229 7.75 -3.33 17.22
CA ALA A 229 8.78 -2.97 16.24
C ALA A 229 8.31 -1.66 15.63
N LEU A 230 9.08 -0.59 15.83
CA LEU A 230 8.65 0.72 15.34
C LEU A 230 9.71 1.41 14.54
N SER A 231 9.25 2.44 13.76
CA SER A 231 10.12 3.34 12.99
CA SER A 231 10.11 3.34 12.97
C SER A 231 11.09 2.63 12.04
N PHE A 232 10.66 1.48 11.46
CA PHE A 232 11.53 0.69 10.59
C PHE A 232 11.27 0.93 9.13
N TYR A 233 12.31 0.73 8.32
CA TYR A 233 12.24 0.86 6.86
C TYR A 233 13.30 -0.07 6.22
N PRO A 234 12.97 -0.90 5.20
CA PRO A 234 11.66 -1.08 4.52
C PRO A 234 10.63 -1.74 5.40
N ALA A 235 9.37 -1.84 4.90
CA ALA A 235 8.22 -2.42 5.60
C ALA A 235 8.37 -3.87 5.94
N GLU A 236 9.12 -4.63 5.13
CA GLU A 236 9.31 -6.07 5.30
C GLU A 236 9.93 -6.39 6.64
N ILE A 237 9.26 -7.26 7.43
CA ILE A 237 9.70 -7.65 8.77
C ILE A 237 9.03 -8.98 9.18
N THR A 238 9.73 -9.71 10.07
CA THR A 238 9.26 -10.96 10.67
CA THR A 238 9.23 -10.93 10.68
C THR A 238 9.42 -10.85 12.19
N LEU A 239 8.33 -11.07 12.93
CA LEU A 239 8.28 -11.07 14.39
C LEU A 239 7.75 -12.41 14.76
N THR A 240 8.48 -13.12 15.60
CA THR A 240 8.05 -14.46 16.01
C THR A 240 8.23 -14.53 17.51
N TRP A 241 7.43 -15.36 18.16
CA TRP A 241 7.49 -15.62 19.59
C TRP A 241 8.05 -17.02 19.75
N GLN A 242 8.83 -17.22 20.80
CA GLN A 242 9.40 -18.50 21.18
C GLN A 242 9.08 -18.77 22.65
N ARG A 243 8.84 -20.04 22.97
CA ARG A 243 8.60 -20.49 24.35
C ARG A 243 9.69 -21.53 24.58
N ASP A 244 10.59 -21.25 25.53
CA ASP A 244 11.71 -22.11 25.86
C ASP A 244 12.55 -22.47 24.62
N GLY A 245 12.78 -21.46 23.76
CA GLY A 245 13.56 -21.62 22.53
C GLY A 245 12.87 -22.35 21.41
N GLU A 246 11.55 -22.54 21.52
CA GLU A 246 10.76 -23.25 20.51
C GLU A 246 9.66 -22.34 19.97
N ASP A 247 9.51 -22.29 18.66
CA ASP A 247 8.50 -21.48 17.99
C ASP A 247 7.09 -21.69 18.54
N GLN A 248 6.42 -20.59 18.88
CA GLN A 248 5.06 -20.56 19.38
C GLN A 248 4.18 -19.63 18.52
N THR A 249 3.12 -20.20 17.91
CA THR A 249 2.08 -19.50 17.12
C THR A 249 0.75 -19.54 17.85
N GLN A 250 0.47 -20.64 18.62
CA GLN A 250 -0.75 -20.71 19.43
C GLN A 250 -0.72 -19.58 20.47
N ASP A 251 -1.91 -19.04 20.82
CA ASP A 251 -2.12 -17.93 21.77
C ASP A 251 -1.33 -16.65 21.42
N THR A 252 -1.09 -16.42 20.11
CA THR A 252 -0.38 -15.24 19.61
C THR A 252 -1.26 -14.42 18.66
N GLU A 253 -1.07 -13.10 18.68
CA GLU A 253 -1.75 -12.16 17.78
C GLU A 253 -0.70 -11.29 17.10
N LEU A 254 -0.75 -11.18 15.77
CA LEU A 254 0.21 -10.43 14.96
C LEU A 254 -0.58 -9.47 14.06
N VAL A 255 -0.51 -8.15 14.33
CA VAL A 255 -1.22 -7.16 13.49
C VAL A 255 -0.47 -6.96 12.17
N GLU A 256 -1.21 -6.52 11.13
CA GLU A 256 -0.67 -6.22 9.80
CA GLU A 256 -0.62 -6.24 9.82
C GLU A 256 0.33 -5.04 9.93
N THR A 257 1.46 -5.10 9.19
CA THR A 257 2.45 -4.01 9.17
C THR A 257 1.71 -2.76 8.71
N ARG A 258 1.90 -1.65 9.45
CA ARG A 258 1.15 -0.45 9.20
C ARG A 258 2.08 0.78 9.03
N PRO A 259 1.70 1.77 8.20
CA PRO A 259 2.58 2.91 8.04
C PRO A 259 2.48 3.84 9.28
N ALA A 260 3.63 4.39 9.72
CA ALA A 260 3.68 5.34 10.82
C ALA A 260 3.16 6.72 10.32
N GLY A 261 3.33 7.01 9.03
CA GLY A 261 2.97 8.28 8.41
C GLY A 261 4.14 9.19 8.08
N ASP A 262 5.33 8.88 8.62
CA ASP A 262 6.58 9.64 8.39
C ASP A 262 7.55 8.86 7.45
N GLY A 263 7.01 7.89 6.72
CA GLY A 263 7.78 7.06 5.82
C GLY A 263 8.26 5.74 6.37
N THR A 264 8.14 5.55 7.69
CA THR A 264 8.48 4.30 8.37
C THR A 264 7.25 3.48 8.68
N PHE A 265 7.46 2.27 9.19
CA PHE A 265 6.45 1.27 9.46
C PHE A 265 6.46 0.79 10.89
N GLN A 266 5.38 0.12 11.31
CA GLN A 266 5.17 -0.37 12.66
C GLN A 266 4.56 -1.74 12.59
N LYS A 267 4.81 -2.55 13.63
CA LYS A 267 4.19 -3.88 13.78
C LYS A 267 4.35 -4.36 15.21
N TRP A 268 3.39 -5.15 15.69
CA TRP A 268 3.51 -5.80 16.97
C TRP A 268 3.03 -7.22 16.88
N ALA A 269 3.57 -8.06 17.80
CA ALA A 269 3.22 -9.46 17.96
C ALA A 269 2.98 -9.64 19.45
N ALA A 270 1.80 -10.15 19.83
CA ALA A 270 1.51 -10.41 21.25
C ALA A 270 1.36 -11.89 21.49
N VAL A 271 1.67 -12.32 22.72
CA VAL A 271 1.49 -13.70 23.22
C VAL A 271 0.73 -13.66 24.57
N VAL A 272 -0.25 -14.55 24.73
CA VAL A 272 -1.04 -14.81 25.95
C VAL A 272 -0.22 -15.83 26.75
N VAL A 273 0.12 -15.50 27.99
CA VAL A 273 0.94 -16.38 28.81
C VAL A 273 0.38 -16.62 30.22
N PRO A 274 0.81 -17.73 30.85
CA PRO A 274 0.48 -17.94 32.27
C PRO A 274 1.27 -16.90 33.08
N SER A 275 0.57 -16.18 33.93
CA SER A 275 1.15 -15.17 34.82
C SER A 275 2.29 -15.83 35.66
N GLY A 276 3.47 -15.22 35.65
CA GLY A 276 4.62 -15.75 36.38
C GLY A 276 5.57 -16.57 35.53
N GLN A 277 5.22 -16.83 34.27
CA GLN A 277 6.00 -17.65 33.33
C GLN A 277 6.53 -16.81 32.19
N GLU A 278 6.45 -15.48 32.29
CA GLU A 278 6.91 -14.50 31.28
C GLU A 278 8.32 -14.76 30.74
N GLN A 279 9.24 -15.20 31.62
CA GLN A 279 10.65 -15.46 31.31
C GLN A 279 10.90 -16.54 30.25
N ARG A 280 9.93 -17.47 30.05
CA ARG A 280 10.06 -18.55 29.06
C ARG A 280 9.93 -18.02 27.64
N TYR A 281 9.34 -16.84 27.49
CA TYR A 281 9.00 -16.22 26.22
C TYR A 281 9.97 -15.16 25.72
N THR A 282 10.39 -15.32 24.45
CA THR A 282 11.31 -14.41 23.79
C THR A 282 10.73 -14.02 22.47
N CYS A 283 10.92 -12.74 22.11
CA CYS A 283 10.48 -12.21 20.83
C CYS A 283 11.68 -12.12 19.88
N HIS A 284 11.50 -12.61 18.64
CA HIS A 284 12.53 -12.67 17.62
C HIS A 284 12.20 -11.73 16.48
N VAL A 285 13.16 -10.87 16.13
CA VAL A 285 12.96 -9.80 15.14
C VAL A 285 13.94 -9.89 14.00
N GLN A 286 13.42 -10.09 12.79
CA GLN A 286 14.27 -10.15 11.59
C GLN A 286 13.94 -8.95 10.68
N HIS A 287 14.97 -8.21 10.25
CA HIS A 287 14.77 -7.03 9.39
C HIS A 287 16.05 -6.76 8.61
N GLU A 288 15.93 -6.17 7.40
CA GLU A 288 17.08 -5.85 6.53
C GLU A 288 18.15 -4.96 7.23
N GLY A 289 17.71 -4.00 8.04
CA GLY A 289 18.56 -3.10 8.80
C GLY A 289 19.28 -3.73 9.99
N LEU A 290 19.01 -5.02 10.27
CA LEU A 290 19.59 -5.80 11.38
C LEU A 290 20.57 -6.85 10.80
N PRO A 291 21.90 -6.71 11.01
CA PRO A 291 22.86 -7.70 10.46
C PRO A 291 22.58 -9.15 10.90
N LYS A 292 22.21 -9.33 12.17
CA LYS A 292 21.82 -10.60 12.82
C LYS A 292 20.47 -10.36 13.52
N PRO A 293 19.53 -11.36 13.53
CA PRO A 293 18.24 -11.14 14.24
C PRO A 293 18.44 -10.81 15.72
N LEU A 294 17.51 -10.01 16.25
CA LEU A 294 17.56 -9.57 17.64
C LEU A 294 16.48 -10.29 18.49
N THR A 295 16.78 -10.46 19.79
CA THR A 295 15.93 -11.13 20.78
C THR A 295 15.50 -10.15 21.87
N LEU A 296 14.22 -10.21 22.28
CA LEU A 296 13.68 -9.41 23.38
C LEU A 296 13.06 -10.34 24.39
N ARG A 297 13.24 -10.04 25.69
CA ARG A 297 12.69 -10.85 26.78
C ARG A 297 12.00 -9.91 27.75
N TRP A 298 11.03 -10.41 28.52
CA TRP A 298 10.38 -9.56 29.51
C TRP A 298 11.26 -9.51 30.76
N MET B 1 -20.75 -9.11 -7.42
CA MET B 1 -19.39 -8.58 -7.39
C MET B 1 -18.71 -8.75 -6.03
N ILE B 2 -17.36 -8.94 -6.06
CA ILE B 2 -16.47 -9.06 -4.90
C ILE B 2 -16.52 -7.76 -4.08
N GLN B 3 -17.00 -7.87 -2.83
CA GLN B 3 -17.09 -6.75 -1.91
C GLN B 3 -16.37 -7.17 -0.64
N ARG B 4 -15.18 -6.58 -0.42
CA ARG B 4 -14.29 -6.86 0.70
C ARG B 4 -14.44 -5.77 1.76
N THR B 5 -14.71 -6.18 3.01
CA THR B 5 -14.88 -5.28 4.15
CA THR B 5 -14.89 -5.24 4.13
C THR B 5 -13.52 -4.71 4.58
N PRO B 6 -13.43 -3.44 5.05
CA PRO B 6 -12.09 -2.96 5.48
C PRO B 6 -11.58 -3.51 6.79
N LYS B 7 -10.25 -3.71 6.88
CA LYS B 7 -9.55 -3.99 8.13
C LYS B 7 -9.20 -2.58 8.65
N ILE B 8 -9.26 -2.34 9.97
CA ILE B 8 -9.05 -1.03 10.59
C ILE B 8 -8.06 -1.12 11.75
N GLN B 9 -7.06 -0.23 11.74
CA GLN B 9 -6.11 -0.06 12.84
C GLN B 9 -6.09 1.42 13.15
N VAL B 10 -6.24 1.75 14.44
CA VAL B 10 -6.21 3.13 14.95
C VAL B 10 -5.01 3.19 15.91
N TYR B 11 -4.11 4.17 15.72
CA TYR B 11 -2.85 4.21 16.47
C TYR B 11 -2.13 5.51 16.29
N SER B 12 -1.09 5.74 17.11
CA SER B 12 -0.30 6.95 17.00
C SER B 12 0.96 6.68 16.21
N ARG B 13 1.48 7.71 15.55
CA ARG B 13 2.74 7.63 14.80
C ARG B 13 3.93 7.34 15.75
N HIS B 14 3.88 7.92 16.97
CA HIS B 14 4.95 7.78 17.96
C HIS B 14 4.33 7.25 19.23
N PRO B 15 5.08 6.54 20.09
CA PRO B 15 4.49 6.10 21.37
C PRO B 15 3.93 7.31 22.13
N ALA B 16 2.69 7.17 22.59
CA ALA B 16 1.97 8.27 23.18
C ALA B 16 2.34 8.57 24.62
N GLU B 17 2.40 9.86 24.90
CA GLU B 17 2.68 10.44 26.21
C GLU B 17 1.77 11.64 26.32
N ASN B 18 1.09 11.77 27.47
CA ASN B 18 0.19 12.89 27.73
C ASN B 18 0.90 14.21 27.59
N GLY B 19 0.28 15.14 26.84
CA GLY B 19 0.83 16.47 26.64
C GLY B 19 1.90 16.59 25.58
N LYS B 20 2.30 15.49 24.91
CA LYS B 20 3.30 15.59 23.85
C LYS B 20 2.65 15.41 22.48
N SER B 21 2.76 16.44 21.61
CA SER B 21 2.26 16.51 20.22
C SER B 21 2.58 15.20 19.48
N ASN B 22 1.60 14.68 18.74
CA ASN B 22 1.74 13.40 18.03
C ASN B 22 0.84 13.41 16.80
N PHE B 23 0.68 12.24 16.16
CA PHE B 23 -0.20 12.03 15.00
C PHE B 23 -1.10 10.84 15.21
N LEU B 24 -2.39 11.05 15.05
CA LEU B 24 -3.38 9.99 15.22
C LEU B 24 -3.65 9.43 13.84
N ASN B 25 -3.39 8.12 13.67
CA ASN B 25 -3.62 7.42 12.41
C ASN B 25 -4.81 6.46 12.41
N CYS B 26 -5.43 6.27 11.25
CA CYS B 26 -6.42 5.26 10.99
C CYS B 26 -6.09 4.63 9.64
N TYR B 27 -5.56 3.42 9.69
CA TYR B 27 -5.18 2.64 8.53
C TYR B 27 -6.31 1.70 8.15
N VAL B 28 -6.85 1.94 6.96
CA VAL B 28 -7.91 1.13 6.41
C VAL B 28 -7.34 0.27 5.27
N SER B 29 -7.53 -1.05 5.31
CA SER B 29 -6.93 -1.93 4.27
C SER B 29 -7.82 -3.12 3.89
N GLY B 30 -7.44 -3.85 2.84
CA GLY B 30 -8.18 -5.04 2.37
C GLY B 30 -9.59 -4.84 1.85
N PHE B 31 -9.97 -3.59 1.52
CA PHE B 31 -11.34 -3.27 1.10
C PHE B 31 -11.52 -3.17 -0.41
N HIS B 32 -12.76 -3.40 -0.85
CA HIS B 32 -13.18 -3.34 -2.24
C HIS B 32 -14.72 -3.23 -2.31
N PRO B 33 -15.32 -2.32 -3.09
CA PRO B 33 -14.71 -1.30 -3.97
C PRO B 33 -13.98 -0.19 -3.18
N SER B 34 -13.35 0.75 -3.89
CA SER B 34 -12.48 1.80 -3.32
C SER B 34 -13.19 2.92 -2.53
N ASP B 35 -14.47 3.25 -2.81
CA ASP B 35 -15.16 4.29 -2.04
C ASP B 35 -15.30 3.88 -0.58
N ILE B 36 -14.90 4.77 0.33
CA ILE B 36 -14.88 4.53 1.77
C ILE B 36 -15.00 5.89 2.48
N GLU B 37 -15.60 5.88 3.67
CA GLU B 37 -15.72 7.08 4.48
C GLU B 37 -14.96 6.77 5.76
N VAL B 38 -14.01 7.61 6.10
CA VAL B 38 -13.18 7.46 7.30
C VAL B 38 -13.12 8.81 8.01
N ASP B 39 -13.46 8.82 9.30
CA ASP B 39 -13.38 9.98 10.18
C ASP B 39 -12.58 9.58 11.42
N LEU B 40 -11.87 10.55 12.00
CA LEU B 40 -11.19 10.42 13.29
C LEU B 40 -12.08 11.20 14.27
N LEU B 41 -12.32 10.64 15.45
CA LEU B 41 -13.18 11.23 16.48
C LEU B 41 -12.43 11.60 17.76
N LYS B 42 -12.76 12.76 18.33
CA LYS B 42 -12.26 13.27 19.62
C LYS B 42 -13.49 13.38 20.51
N ASN B 43 -13.60 12.48 21.50
CA ASN B 43 -14.74 12.40 22.43
C ASN B 43 -16.08 12.26 21.66
N GLY B 44 -16.06 11.39 20.65
CA GLY B 44 -17.20 11.08 19.78
C GLY B 44 -17.51 12.07 18.67
N GLU B 45 -16.81 13.23 18.63
CA GLU B 45 -17.07 14.28 17.62
C GLU B 45 -16.07 14.22 16.49
N ARG B 46 -16.52 14.46 15.26
CA ARG B 46 -15.68 14.42 14.08
C ARG B 46 -14.59 15.50 14.10
N ILE B 47 -13.32 15.08 13.95
CA ILE B 47 -12.16 16.02 13.85
C ILE B 47 -12.18 16.58 12.42
N GLU B 48 -12.14 17.91 12.30
CA GLU B 48 -12.22 18.60 11.00
C GLU B 48 -10.98 18.52 10.11
N LYS B 49 -9.78 18.72 10.63
CA LYS B 49 -8.59 18.74 9.77
C LYS B 49 -7.91 17.35 9.68
N VAL B 50 -8.50 16.47 8.87
CA VAL B 50 -7.99 15.10 8.64
C VAL B 50 -7.50 14.96 7.17
N GLU B 51 -6.27 14.47 7.00
CA GLU B 51 -5.69 14.24 5.69
C GLU B 51 -5.60 12.75 5.47
N HIS B 52 -5.40 12.35 4.22
CA HIS B 52 -5.23 10.94 3.87
C HIS B 52 -4.22 10.78 2.76
N SER B 53 -3.56 9.61 2.75
CA SER B 53 -2.63 9.23 1.69
C SER B 53 -3.44 8.98 0.37
N ASP B 54 -2.74 8.94 -0.76
CA ASP B 54 -3.35 8.68 -2.06
C ASP B 54 -3.66 7.20 -2.20
N LEU B 55 -4.83 6.90 -2.80
CA LEU B 55 -5.30 5.53 -2.99
C LEU B 55 -4.27 4.64 -3.68
N SER B 56 -3.96 3.57 -3.00
CA SER B 56 -3.07 2.55 -3.49
C SER B 56 -3.63 1.19 -3.12
N PHE B 57 -3.00 0.11 -3.60
CA PHE B 57 -3.48 -1.21 -3.37
C PHE B 57 -2.31 -2.19 -3.30
N SER B 58 -2.61 -3.36 -2.72
CA SER B 58 -1.66 -4.45 -2.48
CA SER B 58 -1.61 -4.41 -2.53
C SER B 58 -1.68 -5.44 -3.64
N LYS B 59 -0.77 -6.44 -3.60
CA LYS B 59 -0.60 -7.52 -4.58
CA LYS B 59 -0.61 -7.52 -4.58
C LYS B 59 -1.92 -8.18 -4.97
N ASP B 60 -2.82 -8.43 -3.96
CA ASP B 60 -4.16 -9.02 -4.12
C ASP B 60 -5.25 -8.04 -4.61
N TRP B 61 -4.86 -6.82 -5.07
CA TRP B 61 -5.74 -5.75 -5.59
C TRP B 61 -6.55 -5.00 -4.53
N SER B 62 -6.48 -5.42 -3.26
CA SER B 62 -7.27 -4.74 -2.23
C SER B 62 -6.63 -3.41 -1.82
N PHE B 63 -7.49 -2.41 -1.68
CA PHE B 63 -7.16 -1.04 -1.40
C PHE B 63 -6.70 -0.76 -0.01
N TYR B 64 -5.85 0.25 0.16
CA TYR B 64 -5.46 0.75 1.47
C TYR B 64 -5.30 2.26 1.47
N LEU B 65 -5.61 2.87 2.63
CA LEU B 65 -5.53 4.29 2.89
C LEU B 65 -5.12 4.54 4.32
N LEU B 66 -4.34 5.58 4.51
CA LEU B 66 -3.97 6.04 5.83
C LEU B 66 -4.63 7.40 6.00
N TYR B 67 -5.38 7.58 7.09
CA TYR B 67 -6.02 8.83 7.47
C TYR B 67 -5.30 9.28 8.70
N TYR B 68 -5.03 10.56 8.80
CA TYR B 68 -4.21 11.08 9.90
C TYR B 68 -4.49 12.53 10.25
N THR B 69 -4.20 12.90 11.51
CA THR B 69 -4.32 14.27 12.04
C THR B 69 -3.37 14.46 13.23
N GLU B 70 -2.91 15.68 13.45
CA GLU B 70 -2.04 16.01 14.58
C GLU B 70 -2.92 16.08 15.82
N PHE B 71 -2.44 15.50 16.91
CA PHE B 71 -3.16 15.51 18.17
C PHE B 71 -2.22 15.49 19.38
N THR B 72 -2.70 16.02 20.49
CA THR B 72 -1.98 16.01 21.75
C THR B 72 -2.77 15.12 22.69
N PRO B 73 -2.29 13.86 22.87
CA PRO B 73 -2.99 12.96 23.78
C PRO B 73 -3.03 13.50 25.22
N THR B 74 -4.12 13.21 25.94
CA THR B 74 -4.31 13.55 27.35
C THR B 74 -4.92 12.34 28.02
N GLU B 75 -5.04 12.35 29.36
CA GLU B 75 -5.64 11.25 30.13
C GLU B 75 -7.11 11.05 29.79
N LYS B 76 -7.91 12.14 29.82
CA LYS B 76 -9.37 12.10 29.65
C LYS B 76 -9.88 11.89 28.22
N ASP B 77 -9.26 12.57 27.23
CA ASP B 77 -9.67 12.55 25.84
C ASP B 77 -9.61 11.15 25.19
N GLU B 78 -10.72 10.78 24.55
CA GLU B 78 -10.88 9.50 23.88
C GLU B 78 -10.89 9.68 22.37
N TYR B 79 -10.02 8.94 21.69
CA TYR B 79 -9.90 9.02 20.25
C TYR B 79 -10.41 7.75 19.61
N ALA B 80 -10.89 7.85 18.36
CA ALA B 80 -11.51 6.73 17.64
C ALA B 80 -11.55 6.99 16.18
N CYS B 81 -11.73 5.92 15.42
CA CYS B 81 -11.87 6.00 13.97
CA CYS B 81 -11.87 6.00 13.97
C CYS B 81 -13.24 5.46 13.61
N ARG B 82 -13.95 6.18 12.74
CA ARG B 82 -15.30 5.80 12.32
C ARG B 82 -15.24 5.49 10.84
N VAL B 83 -15.52 4.24 10.49
CA VAL B 83 -15.46 3.81 9.09
C VAL B 83 -16.81 3.38 8.56
N ASN B 84 -17.15 3.84 7.36
CA ASN B 84 -18.32 3.38 6.64
C ASN B 84 -17.88 2.93 5.24
N HIS B 85 -18.46 1.84 4.72
CA HIS B 85 -18.16 1.21 3.42
C HIS B 85 -19.42 0.50 2.93
N VAL B 86 -19.52 0.18 1.64
CA VAL B 86 -20.70 -0.54 1.11
C VAL B 86 -21.01 -1.84 1.95
N THR B 87 -19.96 -2.60 2.36
CA THR B 87 -20.04 -3.86 3.12
C THR B 87 -20.53 -3.72 4.57
N LEU B 88 -20.53 -2.50 5.12
CA LEU B 88 -20.93 -2.27 6.49
C LEU B 88 -22.37 -1.77 6.59
N SER B 89 -23.20 -2.46 7.40
CA SER B 89 -24.60 -2.11 7.63
C SER B 89 -24.71 -0.73 8.36
N GLN B 90 -23.77 -0.48 9.28
CA GLN B 90 -23.67 0.73 10.12
CA GLN B 90 -23.68 0.77 10.02
C GLN B 90 -22.19 1.16 10.20
N PRO B 91 -21.84 2.44 10.55
CA PRO B 91 -20.40 2.78 10.71
C PRO B 91 -19.67 1.95 11.77
N LYS B 92 -18.47 1.46 11.44
CA LYS B 92 -17.66 0.70 12.39
C LYS B 92 -16.77 1.68 13.20
N ILE B 93 -16.82 1.60 14.54
CA ILE B 93 -16.04 2.51 15.37
C ILE B 93 -14.98 1.71 16.09
N VAL B 94 -13.71 2.13 15.90
CA VAL B 94 -12.59 1.48 16.54
C VAL B 94 -11.90 2.52 17.43
N LYS B 95 -11.85 2.25 18.72
CA LYS B 95 -11.25 3.14 19.69
C LYS B 95 -9.74 3.12 19.64
N TRP B 96 -9.13 4.26 19.91
CA TRP B 96 -7.69 4.31 20.01
C TRP B 96 -7.34 3.87 21.44
N ASP B 97 -6.44 2.88 21.50
CA ASP B 97 -5.86 2.26 22.68
C ASP B 97 -4.36 2.42 22.50
N ARG B 98 -3.72 3.27 23.32
CA ARG B 98 -2.26 3.59 23.30
C ARG B 98 -1.34 2.36 23.36
N ASP B 99 -1.87 1.24 23.89
CA ASP B 99 -1.12 -0.02 24.02
C ASP B 99 -1.20 -0.89 22.77
N MET B 100 -1.77 -0.41 21.66
CA MET B 100 -1.83 -1.23 20.45
C MET B 100 -1.87 -0.42 19.16
N TYR C 1 9.57 6.81 -13.82
CA TYR C 1 9.44 7.17 -15.24
C TYR C 1 8.37 6.27 -15.86
N LEU C 2 7.21 6.84 -16.22
CA LEU C 2 6.10 6.08 -16.81
C LEU C 2 6.43 5.52 -18.18
N GLN C 3 5.73 4.42 -18.56
CA GLN C 3 5.84 3.80 -19.88
C GLN C 3 5.37 4.83 -20.92
N PRO C 4 6.14 5.06 -21.99
CA PRO C 4 5.72 6.04 -23.01
C PRO C 4 4.55 5.57 -23.88
N ARG C 5 4.40 4.27 -24.07
CA ARG C 5 3.30 3.72 -24.86
C ARG C 5 2.25 3.14 -23.93
N THR C 6 0.98 3.11 -24.37
CA THR C 6 -0.13 2.47 -23.66
C THR C 6 -0.83 1.55 -24.69
N PHE C 7 -1.44 0.47 -24.21
CA PHE C 7 -2.12 -0.52 -25.03
C PHE C 7 -3.49 -0.73 -24.48
N LEU C 8 -4.50 -0.64 -25.35
CA LEU C 8 -5.91 -0.74 -24.96
C LEU C 8 -6.36 -2.17 -24.81
N LEU C 9 -7.13 -2.43 -23.72
CA LEU C 9 -7.71 -3.75 -23.44
C LEU C 9 -8.72 -4.11 -24.56
#